data_8QQ9
#
_entry.id   8QQ9
#
_cell.length_a   62.878
_cell.length_b   69.835
_cell.length_c   120.735
_cell.angle_alpha   90.000
_cell.angle_beta   90.000
_cell.angle_gamma   90.000
#
_symmetry.space_group_name_H-M   'P 21 21 21'
#
loop_
_entity.id
_entity.type
_entity.pdbx_description
1 polymer 'Carbonic anhydrase 1'
2 non-polymer 'ZINC ION'
3 non-polymer 1-[1,1-bis(oxidanyl)-3,4-dihydro-2,1$l^{4}-benzoxaborinin-7-yl]-3-(phenylmethyl)thiourea
4 water water
#
_entity_poly.entity_id   1
_entity_poly.type   'polypeptide(L)'
_entity_poly.pdbx_seq_one_letter_code
;MASPDWGYDDKNGPEQWSKLYPIANGNNQSPVDIKTSETKHDTSLKPISVSYNPATAKEIINVGHSFHVNFEDNDNRSVL
KGGPFSDSYRLFQFHFHWGSTNEHGSEHTVDGVKYSAELHVAHWNSAKYSSLAEAASKADGLAVIGVLMKVGEANPKLQK
VLDALQAIKTKGKRAPFTNFDPSTLLPSSLDFWTYPGSLTHPPLYESVTWIICKESISVSSEQLAQFRSLLSNVEGDNAV
PMQHNNRPTQPLKGRTVRASF
;
_entity_poly.pdbx_strand_id   AAA,BBB
#
loop_
_chem_comp.id
_chem_comp.type
_chem_comp.name
_chem_comp.formula
WHK non-polymer 1-[1,1-bis(oxidanyl)-3,4-dihydro-2,1$l^{4}-benzoxaborinin-7-yl]-3-(phenylmethyl)thiourea 'C16 H18 B N2 O3 S'
ZN non-polymer 'ZINC ION' 'Zn 2'
#
# COMPACT_ATOMS: atom_id res chain seq x y z
N ASP A 5 -21.86 10.19 -0.95
CA ASP A 5 -22.64 11.19 -1.76
C ASP A 5 -21.92 11.44 -3.10
N TRP A 6 -20.59 11.67 -3.07
CA TRP A 6 -19.76 11.96 -4.27
C TRP A 6 -18.40 11.28 -4.10
N GLY A 7 -17.72 10.99 -5.20
CA GLY A 7 -16.38 10.38 -5.23
C GLY A 7 -15.81 10.44 -6.62
N TYR A 8 -15.15 9.36 -7.06
CA TYR A 8 -14.47 9.28 -8.37
C TYR A 8 -14.84 7.99 -9.12
N ASP A 9 -15.74 7.17 -8.59
CA ASP A 9 -16.27 5.96 -9.29
C ASP A 9 -17.33 6.38 -10.31
N ASP A 10 -17.68 5.49 -11.26
CA ASP A 10 -18.61 5.83 -12.38
C ASP A 10 -19.94 6.29 -11.80
N LYS A 11 -20.42 5.59 -10.76
CA LYS A 11 -21.73 5.83 -10.10
C LYS A 11 -21.77 7.21 -9.43
N ASN A 12 -20.65 7.74 -8.92
CA ASN A 12 -20.66 8.90 -7.99
C ASN A 12 -19.59 9.95 -8.37
N GLY A 13 -18.98 9.81 -9.54
CA GLY A 13 -17.74 10.51 -9.94
C GLY A 13 -18.03 11.77 -10.74
N PRO A 14 -16.97 12.43 -11.26
CA PRO A 14 -17.03 13.75 -11.88
C PRO A 14 -18.16 14.01 -12.89
N GLU A 15 -18.56 12.99 -13.65
CA GLU A 15 -19.60 13.09 -14.71
C GLU A 15 -21.01 13.06 -14.07
N GLN A 16 -21.15 12.69 -12.79
CA GLN A 16 -22.46 12.72 -12.07
C GLN A 16 -22.52 13.88 -11.06
N TRP A 17 -21.45 14.67 -10.86
CA TRP A 17 -21.41 15.62 -9.72
C TRP A 17 -22.52 16.69 -9.89
N SER A 18 -22.89 17.04 -11.15
CA SER A 18 -23.84 18.14 -11.48
C SER A 18 -25.24 17.90 -10.87
N LYS A 19 -25.56 16.67 -10.46
CA LYS A 19 -26.88 16.27 -9.90
C LYS A 19 -27.04 16.83 -8.48
N LEU A 20 -25.95 16.95 -7.72
CA LEU A 20 -25.96 17.51 -6.34
C LEU A 20 -25.34 18.91 -6.38
N TYR A 21 -24.37 19.13 -7.28
CA TYR A 21 -23.61 20.39 -7.46
C TYR A 21 -23.73 20.89 -8.91
N PRO A 22 -24.83 21.62 -9.24
CA PRO A 22 -25.08 22.09 -10.60
C PRO A 22 -23.98 22.98 -11.18
N ILE A 23 -23.17 23.64 -10.35
CA ILE A 23 -22.05 24.52 -10.82
C ILE A 23 -21.03 23.67 -11.56
N ALA A 24 -21.13 22.34 -11.45
CA ALA A 24 -20.19 21.40 -12.10
C ALA A 24 -20.16 21.66 -13.61
N ASN A 25 -21.27 22.16 -14.20
CA ASN A 25 -21.38 22.48 -15.65
C ASN A 25 -21.20 23.98 -15.87
N GLY A 26 -20.67 24.71 -14.88
CA GLY A 26 -20.53 26.19 -14.94
C GLY A 26 -19.46 26.60 -15.92
N ASN A 27 -19.12 27.88 -15.97
CA ASN A 27 -18.25 28.50 -17.01
C ASN A 27 -16.84 28.78 -16.51
N ASN A 28 -16.54 28.57 -15.22
CA ASN A 28 -15.20 28.81 -14.62
C ASN A 28 -14.77 27.53 -13.87
N GLN A 29 -14.96 26.36 -14.49
CA GLN A 29 -14.67 25.06 -13.85
C GLN A 29 -13.18 24.73 -14.07
N SER A 30 -12.62 24.00 -13.11
CA SER A 30 -11.18 23.60 -13.07
C SER A 30 -11.11 22.09 -12.89
N PRO A 31 -10.05 21.39 -13.33
CA PRO A 31 -8.88 21.99 -13.98
C PRO A 31 -9.10 22.21 -15.49
N VAL A 32 -8.11 22.79 -16.17
CA VAL A 32 -8.15 23.00 -17.64
C VAL A 32 -6.86 22.47 -18.26
N ASP A 33 -6.93 22.18 -19.56
CA ASP A 33 -5.74 22.06 -20.45
C ASP A 33 -5.18 23.45 -20.71
N ILE A 34 -3.91 23.65 -20.35
CA ILE A 34 -3.14 24.87 -20.68
C ILE A 34 -2.47 24.69 -22.05
N LYS A 35 -3.08 25.28 -23.07
CA LYS A 35 -2.54 25.38 -24.45
C LYS A 35 -1.55 26.54 -24.48
N THR A 36 -0.24 26.28 -24.53
CA THR A 36 0.83 27.30 -24.32
C THR A 36 0.88 28.31 -25.48
N SER A 37 0.42 27.93 -26.67
CA SER A 37 0.43 28.78 -27.90
C SER A 37 -0.69 29.83 -27.83
N GLU A 38 -1.54 29.78 -26.80
CA GLU A 38 -2.72 30.66 -26.64
C GLU A 38 -2.66 31.46 -25.34
N THR A 39 -1.65 31.24 -24.51
CA THR A 39 -1.41 32.04 -23.28
C THR A 39 -1.01 33.46 -23.70
N LYS A 40 -1.54 34.45 -22.98
CA LYS A 40 -1.12 35.86 -23.07
C LYS A 40 -0.04 36.09 -22.03
N HIS A 41 1.19 36.44 -22.45
CA HIS A 41 2.20 37.01 -21.52
C HIS A 41 1.67 38.36 -21.03
N ASP A 42 1.49 38.50 -19.72
CA ASP A 42 1.03 39.76 -19.08
C ASP A 42 2.21 40.31 -18.29
N THR A 43 2.57 41.56 -18.60
CA THR A 43 3.73 42.33 -18.08
C THR A 43 3.44 42.78 -16.63
N SER A 44 2.17 43.00 -16.28
CA SER A 44 1.73 43.52 -14.95
C SER A 44 1.81 42.43 -13.87
N LEU A 45 1.84 41.13 -14.26
CA LEU A 45 2.07 39.98 -13.34
C LEU A 45 3.43 40.14 -12.66
N LYS A 46 3.43 40.30 -11.34
CA LYS A 46 4.67 40.38 -10.51
C LYS A 46 5.06 38.96 -10.09
N PRO A 47 6.29 38.74 -9.59
CA PRO A 47 6.67 37.40 -9.12
C PRO A 47 5.73 36.97 -7.98
N ILE A 48 5.55 35.65 -7.83
CA ILE A 48 4.87 35.00 -6.68
C ILE A 48 5.84 34.99 -5.49
N SER A 49 5.34 35.42 -4.33
CA SER A 49 6.03 35.46 -3.02
C SER A 49 5.27 34.56 -2.03
N VAL A 50 5.88 33.45 -1.62
CA VAL A 50 5.39 32.65 -0.46
C VAL A 50 6.31 32.92 0.72
N SER A 51 5.74 33.19 1.89
CA SER A 51 6.43 33.25 3.21
C SER A 51 5.60 32.45 4.21
N TYR A 52 5.94 31.17 4.36
CA TYR A 52 5.23 30.21 5.21
C TYR A 52 6.05 30.03 6.50
N ASN A 53 5.36 30.02 7.63
CA ASN A 53 5.97 29.72 8.96
C ASN A 53 5.71 28.25 9.30
N PRO A 54 6.76 27.41 9.46
CA PRO A 54 6.54 25.98 9.67
C PRO A 54 5.71 25.72 10.96
N ALA A 55 5.64 26.70 11.86
CA ALA A 55 4.83 26.61 13.10
C ALA A 55 3.33 26.55 12.76
N THR A 56 2.89 27.05 11.61
CA THR A 56 1.44 27.07 11.25
C THR A 56 0.99 25.65 10.88
N ALA A 57 1.92 24.74 10.57
CA ALA A 57 1.57 23.34 10.25
C ALA A 57 0.86 22.71 11.46
N LYS A 58 -0.28 22.08 11.25
CA LYS A 58 -1.15 21.63 12.36
C LYS A 58 -1.43 20.13 12.23
N GLU A 59 -2.03 19.63 11.15
CA GLU A 59 -2.36 18.20 11.15
C GLU A 59 -2.60 17.65 9.75
N ILE A 60 -2.59 16.32 9.71
CA ILE A 60 -2.76 15.48 8.50
C ILE A 60 -3.97 14.58 8.75
N ILE A 61 -4.90 14.57 7.79
CA ILE A 61 -6.23 13.93 7.92
C ILE A 61 -6.44 13.05 6.71
N ASN A 62 -7.06 11.89 6.91
CA ASN A 62 -7.58 11.01 5.85
C ASN A 62 -9.06 11.31 5.67
N VAL A 63 -9.42 11.80 4.49
CA VAL A 63 -10.77 12.35 4.18
C VAL A 63 -11.45 11.41 3.19
N GLY A 64 -10.91 10.22 2.99
CA GLY A 64 -11.59 9.10 2.33
C GLY A 64 -11.31 9.07 0.84
N HIS A 65 -11.40 10.22 0.19
CA HIS A 65 -11.01 10.46 -1.23
C HIS A 65 -9.54 10.90 -1.37
N SER A 66 -8.94 11.41 -0.29
CA SER A 66 -7.61 12.07 -0.34
C SER A 66 -7.05 12.19 1.07
N PHE A 67 -5.92 12.85 1.25
CA PHE A 67 -5.49 13.25 2.60
C PHE A 67 -5.12 14.71 2.50
N HIS A 68 -5.28 15.41 3.62
CA HIS A 68 -5.13 16.86 3.74
C HIS A 68 -4.08 17.16 4.80
N VAL A 69 -3.19 18.12 4.53
CA VAL A 69 -2.31 18.75 5.58
C VAL A 69 -2.85 20.17 5.81
N ASN A 70 -3.37 20.42 7.00
CA ASN A 70 -4.02 21.70 7.36
C ASN A 70 -3.10 22.55 8.21
N PHE A 71 -3.31 23.86 8.11
CA PHE A 71 -2.48 24.89 8.76
C PHE A 71 -3.36 25.77 9.65
N GLU A 72 -2.83 26.22 10.79
CA GLU A 72 -3.45 27.31 11.58
C GLU A 72 -3.59 28.50 10.62
N ASP A 73 -4.77 29.06 10.52
CA ASP A 73 -5.04 30.22 9.64
C ASP A 73 -5.64 31.35 10.46
N ASN A 74 -5.32 31.43 11.75
CA ASN A 74 -5.80 32.49 12.68
C ASN A 74 -5.12 33.83 12.41
N ASP A 75 -3.91 33.86 11.81
CA ASP A 75 -3.20 35.13 11.53
C ASP A 75 -2.34 35.00 10.26
N ASN A 76 -1.49 35.99 9.97
CA ASN A 76 -0.77 36.16 8.67
C ASN A 76 0.67 35.63 8.74
N ARG A 77 0.97 34.66 9.60
CA ARG A 77 2.31 34.03 9.69
C ARG A 77 2.67 33.35 8.36
N SER A 78 1.69 32.78 7.63
CA SER A 78 1.91 32.03 6.36
C SER A 78 1.01 32.57 5.25
N VAL A 79 1.60 33.28 4.27
CA VAL A 79 0.86 34.07 3.25
C VAL A 79 1.48 33.87 1.86
N LEU A 80 0.64 34.03 0.85
CA LEU A 80 1.03 34.14 -0.57
C LEU A 80 0.72 35.57 -1.01
N LYS A 81 1.64 36.22 -1.73
CA LYS A 81 1.48 37.59 -2.29
C LYS A 81 2.00 37.61 -3.72
N GLY A 82 1.79 38.70 -4.43
CA GLY A 82 2.38 38.93 -5.77
C GLY A 82 1.54 38.26 -6.82
N GLY A 83 2.13 37.94 -7.98
CA GLY A 83 1.39 37.39 -9.13
C GLY A 83 0.35 38.38 -9.62
N PRO A 84 -0.92 37.95 -9.76
CA PRO A 84 -1.99 38.86 -10.14
C PRO A 84 -2.65 39.60 -8.96
N PHE A 85 -2.21 39.29 -7.73
CA PHE A 85 -2.93 39.64 -6.49
C PHE A 85 -2.43 41.01 -5.99
N SER A 86 -3.34 41.86 -5.52
CA SER A 86 -3.04 43.04 -4.67
C SER A 86 -3.11 42.62 -3.20
N ASP A 87 -3.91 41.60 -2.90
CA ASP A 87 -4.24 41.15 -1.52
C ASP A 87 -3.24 40.07 -1.08
N SER A 88 -2.96 39.97 0.22
CA SER A 88 -2.28 38.81 0.85
C SER A 88 -3.31 37.71 1.06
N TYR A 89 -2.96 36.44 0.77
CA TYR A 89 -3.81 35.24 0.97
C TYR A 89 -3.14 34.31 1.98
N ARG A 90 -3.95 33.73 2.85
CA ARG A 90 -3.49 32.96 4.05
C ARG A 90 -3.46 31.47 3.69
N LEU A 91 -2.30 30.83 3.87
CA LEU A 91 -2.14 29.36 3.70
C LEU A 91 -3.15 28.69 4.61
N PHE A 92 -3.88 27.68 4.11
CA PHE A 92 -4.73 26.83 5.00
C PHE A 92 -4.55 25.33 4.78
N GLN A 93 -4.11 24.89 3.58
CA GLN A 93 -4.04 23.43 3.31
C GLN A 93 -3.11 23.13 2.13
N PHE A 94 -2.47 21.96 2.11
CA PHE A 94 -1.99 21.35 0.85
C PHE A 94 -2.51 19.92 0.81
N HIS A 95 -2.60 19.41 -0.40
CA HIS A 95 -2.97 18.01 -0.67
C HIS A 95 -2.56 17.67 -2.11
N PHE A 96 -2.83 16.43 -2.51
CA PHE A 96 -2.37 15.86 -3.80
C PHE A 96 -3.57 15.25 -4.49
N HIS A 97 -3.49 15.18 -5.81
CA HIS A 97 -4.34 14.33 -6.66
C HIS A 97 -3.41 13.36 -7.38
N TRP A 98 -3.89 12.16 -7.62
CA TRP A 98 -3.16 11.12 -8.36
C TRP A 98 -4.17 10.33 -9.17
N GLY A 99 -3.67 9.46 -10.05
CA GLY A 99 -4.49 8.62 -10.93
C GLY A 99 -4.25 7.14 -10.68
N SER A 100 -5.08 6.28 -11.28
CA SER A 100 -5.01 4.80 -11.25
C SER A 100 -3.61 4.34 -11.68
N THR A 101 -3.00 5.01 -12.65
CA THR A 101 -1.66 4.65 -13.19
C THR A 101 -0.80 5.91 -13.34
N ASN A 102 0.50 5.73 -13.60
CA ASN A 102 1.51 6.79 -13.70
C ASN A 102 1.27 7.67 -14.93
N GLU A 103 0.52 7.19 -15.92
CA GLU A 103 0.34 7.88 -17.24
C GLU A 103 -0.58 9.10 -17.08
N HIS A 104 -1.44 9.07 -16.05
CA HIS A 104 -2.43 10.15 -15.72
C HIS A 104 -2.38 10.34 -14.20
N GLY A 105 -3.09 11.30 -13.65
CA GLY A 105 -3.01 11.59 -12.20
C GLY A 105 -3.02 13.06 -11.88
N SER A 106 -2.41 13.90 -12.73
CA SER A 106 -2.56 15.37 -12.66
C SER A 106 -4.01 15.73 -13.00
N GLU A 107 -4.41 16.92 -12.58
CA GLU A 107 -5.74 17.50 -12.88
C GLU A 107 -5.53 18.41 -14.08
N HIS A 108 -4.64 19.39 -13.90
CA HIS A 108 -4.18 20.29 -14.99
C HIS A 108 -3.36 19.46 -15.99
N THR A 109 -3.49 19.82 -17.27
CA THR A 109 -2.66 19.29 -18.40
C THR A 109 -1.98 20.50 -19.08
N VAL A 110 -0.80 20.29 -19.70
CA VAL A 110 -0.06 21.37 -20.42
C VAL A 110 0.16 20.86 -21.84
N ASP A 111 -0.54 21.43 -22.83
CA ASP A 111 -0.43 21.01 -24.25
C ASP A 111 -0.93 19.56 -24.33
N GLY A 112 -2.01 19.25 -23.61
CA GLY A 112 -2.60 17.90 -23.59
C GLY A 112 -1.73 16.87 -22.87
N VAL A 113 -0.55 17.24 -22.36
CA VAL A 113 0.30 16.28 -21.60
C VAL A 113 -0.30 16.09 -20.20
N LYS A 114 -0.56 14.84 -19.82
CA LYS A 114 -0.99 14.40 -18.48
C LYS A 114 0.22 14.00 -17.66
N TYR A 115 0.36 14.54 -16.45
CA TYR A 115 1.40 14.17 -15.45
C TYR A 115 0.84 13.11 -14.50
N SER A 116 1.66 12.66 -13.56
CA SER A 116 1.37 11.51 -12.69
C SER A 116 0.57 11.91 -11.44
N ALA A 117 0.72 13.15 -10.99
CA ALA A 117 0.09 13.70 -9.77
C ALA A 117 0.13 15.23 -9.82
N GLU A 118 -0.47 15.87 -8.83
CA GLU A 118 -0.59 17.34 -8.77
C GLU A 118 -0.63 17.76 -7.31
N LEU A 119 0.18 18.72 -6.95
CA LEU A 119 0.11 19.33 -5.59
C LEU A 119 -0.79 20.55 -5.68
N HIS A 120 -1.69 20.73 -4.72
CA HIS A 120 -2.45 21.98 -4.52
C HIS A 120 -2.05 22.59 -3.19
N VAL A 121 -1.57 23.82 -3.21
CA VAL A 121 -1.29 24.63 -1.99
C VAL A 121 -2.28 25.79 -1.96
N ALA A 122 -3.22 25.75 -1.00
CA ALA A 122 -4.47 26.53 -0.98
C ALA A 122 -4.42 27.63 0.08
N HIS A 123 -4.90 28.82 -0.30
CA HIS A 123 -4.83 30.09 0.47
C HIS A 123 -6.19 30.80 0.41
N TRP A 124 -6.53 31.60 1.43
CA TRP A 124 -7.78 32.40 1.38
C TRP A 124 -7.46 33.87 1.66
N ASN A 125 -8.31 34.73 1.11
CA ASN A 125 -8.13 36.20 1.03
C ASN A 125 -8.51 36.80 2.39
N SER A 126 -7.52 36.97 3.25
CA SER A 126 -7.71 37.51 4.63
C SER A 126 -7.63 39.04 4.62
N ALA A 127 -7.26 39.65 3.50
CA ALA A 127 -7.28 41.12 3.36
C ALA A 127 -8.73 41.54 3.12
N LYS A 128 -9.55 40.70 2.49
CA LYS A 128 -10.95 41.08 2.18
C LYS A 128 -11.95 40.33 3.08
N TYR A 129 -11.67 39.10 3.51
CA TYR A 129 -12.64 38.29 4.30
C TYR A 129 -11.99 37.97 5.64
N SER A 130 -12.78 37.58 6.64
CA SER A 130 -12.23 37.31 7.99
C SER A 130 -12.20 35.80 8.24
N SER A 131 -12.67 34.97 7.31
CA SER A 131 -12.60 33.50 7.46
C SER A 131 -12.57 32.80 6.09
N LEU A 132 -12.05 31.58 6.10
CA LEU A 132 -12.11 30.62 4.97
C LEU A 132 -13.56 30.44 4.52
N ALA A 133 -14.46 30.26 5.48
CA ALA A 133 -15.92 30.06 5.24
C ALA A 133 -16.47 31.25 4.45
N GLU A 134 -16.05 32.46 4.78
CA GLU A 134 -16.53 33.68 4.09
C GLU A 134 -15.90 33.75 2.68
N ALA A 135 -14.61 33.43 2.58
CA ALA A 135 -13.82 33.54 1.34
C ALA A 135 -14.23 32.43 0.34
N ALA A 136 -14.59 31.25 0.82
CA ALA A 136 -14.55 30.00 0.01
C ALA A 136 -15.40 30.15 -1.24
N SER A 137 -16.51 30.88 -1.21
CA SER A 137 -17.41 30.98 -2.39
C SER A 137 -17.47 32.41 -2.92
N LYS A 138 -16.43 33.21 -2.68
CA LYS A 138 -16.26 34.51 -3.37
C LYS A 138 -15.31 34.30 -4.54
N ALA A 139 -15.60 34.99 -5.67
CA ALA A 139 -14.81 34.98 -6.92
C ALA A 139 -13.33 35.20 -6.62
N ASP A 140 -13.04 36.08 -5.65
CA ASP A 140 -11.64 36.48 -5.32
C ASP A 140 -11.19 35.88 -3.99
N GLY A 141 -11.86 34.83 -3.52
CA GLY A 141 -11.69 34.31 -2.15
C GLY A 141 -10.48 33.39 -1.98
N LEU A 142 -10.17 32.57 -2.98
CA LEU A 142 -9.11 31.54 -2.88
C LEU A 142 -7.97 31.80 -3.88
N ALA A 143 -6.74 31.57 -3.44
CA ALA A 143 -5.55 31.44 -4.31
C ALA A 143 -5.04 30.01 -4.13
N VAL A 144 -4.83 29.27 -5.22
CA VAL A 144 -4.27 27.89 -5.18
C VAL A 144 -3.09 27.75 -6.15
N ILE A 145 -1.93 27.35 -5.61
CA ILE A 145 -0.77 26.94 -6.43
C ILE A 145 -0.95 25.48 -6.80
N GLY A 146 -0.97 25.20 -8.11
CA GLY A 146 -0.88 23.84 -8.65
C GLY A 146 0.52 23.57 -9.10
N VAL A 147 1.06 22.42 -8.70
CA VAL A 147 2.37 21.92 -9.20
C VAL A 147 2.16 20.57 -9.86
N LEU A 148 2.60 20.45 -11.11
CA LEU A 148 2.52 19.17 -11.85
C LEU A 148 3.64 18.26 -11.34
N MET A 149 3.32 17.00 -11.11
CA MET A 149 4.26 16.03 -10.52
C MET A 149 4.58 14.95 -11.56
N LYS A 150 5.83 14.92 -11.99
CA LYS A 150 6.34 14.08 -13.12
C LYS A 150 6.99 12.82 -12.56
N VAL A 151 6.51 11.65 -12.96
CA VAL A 151 7.05 10.35 -12.46
C VAL A 151 8.52 10.31 -12.89
N GLY A 152 9.40 10.05 -11.93
CA GLY A 152 10.85 9.95 -12.18
C GLY A 152 11.57 9.59 -10.90
N GLU A 153 12.60 10.37 -10.57
CA GLU A 153 13.39 10.27 -9.31
C GLU A 153 12.48 10.46 -8.09
N ALA A 154 12.69 9.64 -7.06
CA ALA A 154 12.05 9.80 -5.73
C ALA A 154 12.33 11.23 -5.24
N ASN A 155 11.29 11.87 -4.71
CA ASN A 155 11.34 13.25 -4.23
C ASN A 155 11.51 13.22 -2.72
N PRO A 156 12.71 13.55 -2.19
CA PRO A 156 12.95 13.45 -0.75
C PRO A 156 12.18 14.54 0.01
N LYS A 157 11.77 15.59 -0.68
CA LYS A 157 10.99 16.69 -0.04
C LYS A 157 9.61 16.16 0.36
N LEU A 158 9.10 15.10 -0.30
CA LEU A 158 7.81 14.41 0.01
C LEU A 158 7.87 13.59 1.30
N GLN A 159 9.08 13.40 1.84
CA GLN A 159 9.43 12.32 2.80
C GLN A 159 8.63 12.50 4.09
N LYS A 160 8.66 13.68 4.72
CA LYS A 160 7.89 13.90 5.97
C LYS A 160 6.44 13.55 5.68
N VAL A 161 5.91 13.95 4.51
CA VAL A 161 4.47 13.72 4.19
C VAL A 161 4.24 12.21 4.14
N LEU A 162 5.02 11.46 3.36
CA LEU A 162 4.77 10.01 3.12
C LEU A 162 4.99 9.20 4.41
N ASP A 163 5.98 9.59 5.23
CA ASP A 163 6.26 8.94 6.54
C ASP A 163 5.05 9.10 7.47
N ALA A 164 4.26 10.17 7.35
CA ALA A 164 3.09 10.42 8.23
C ALA A 164 1.90 9.56 7.84
N LEU A 165 1.86 9.01 6.62
CA LEU A 165 0.64 8.33 6.11
C LEU A 165 0.36 7.02 6.85
N GLN A 166 1.40 6.40 7.44
CA GLN A 166 1.22 5.12 8.18
C GLN A 166 0.31 5.41 9.40
N ALA A 167 0.31 6.64 9.93
CA ALA A 167 -0.51 7.06 11.09
C ALA A 167 -1.95 7.34 10.66
N ILE A 168 -2.27 7.44 9.37
CA ILE A 168 -3.66 7.81 8.95
C ILE A 168 -4.12 6.93 7.80
N LYS A 169 -4.02 5.60 7.93
CA LYS A 169 -4.23 4.65 6.82
C LYS A 169 -5.70 4.62 6.41
N THR A 170 -6.61 4.76 7.36
CA THR A 170 -8.06 4.57 7.16
C THR A 170 -8.78 5.93 7.31
N LYS A 171 -9.96 6.02 6.71
CA LYS A 171 -10.82 7.24 6.70
C LYS A 171 -11.11 7.70 8.12
N GLY A 172 -10.80 8.95 8.44
CA GLY A 172 -11.20 9.59 9.70
C GLY A 172 -10.02 9.77 10.58
N LYS A 173 -8.95 9.01 10.37
CA LYS A 173 -7.74 9.11 11.21
C LYS A 173 -7.08 10.47 10.93
N ARG A 174 -6.51 11.06 11.96
CA ARG A 174 -5.72 12.31 11.92
C ARG A 174 -4.57 12.20 12.93
N ALA A 175 -3.49 12.92 12.66
CA ALA A 175 -2.32 12.98 13.53
C ALA A 175 -1.86 14.42 13.50
N PRO A 176 -1.21 14.90 14.55
CA PRO A 176 -0.52 16.18 14.46
C PRO A 176 0.49 16.12 13.30
N PHE A 177 0.76 17.28 12.70
CA PHE A 177 1.73 17.43 11.59
C PHE A 177 2.29 18.85 11.68
N THR A 178 3.48 19.01 12.27
CA THR A 178 3.97 20.30 12.74
C THR A 178 5.36 20.58 12.17
N ASN A 179 5.79 21.82 12.30
CA ASN A 179 7.14 22.27 11.94
C ASN A 179 7.40 21.91 10.47
N PHE A 180 6.47 22.25 9.56
CA PHE A 180 6.62 21.93 8.12
C PHE A 180 6.27 23.16 7.29
N ASP A 181 7.21 23.57 6.44
CA ASP A 181 7.08 24.71 5.51
C ASP A 181 6.83 24.13 4.12
N PRO A 182 5.58 24.16 3.61
CA PRO A 182 5.24 23.54 2.32
C PRO A 182 5.91 24.19 1.09
N SER A 183 6.53 25.37 1.25
CA SER A 183 7.30 26.03 0.17
C SER A 183 8.50 25.16 -0.21
N THR A 184 8.91 24.25 0.67
CA THR A 184 9.98 23.24 0.41
C THR A 184 9.51 22.24 -0.66
N LEU A 185 8.22 22.18 -0.99
CA LEU A 185 7.70 21.26 -2.04
C LEU A 185 7.59 21.98 -3.39
N LEU A 186 7.72 23.30 -3.39
CA LEU A 186 7.54 24.10 -4.64
C LEU A 186 8.74 23.89 -5.56
N PRO A 187 8.55 23.99 -6.89
CA PRO A 187 9.69 23.96 -7.82
C PRO A 187 10.62 25.17 -7.60
N SER A 188 11.83 25.08 -8.15
CA SER A 188 12.96 26.05 -8.00
C SER A 188 12.56 27.43 -8.52
N SER A 189 11.84 27.46 -9.65
CA SER A 189 11.35 28.69 -10.30
C SER A 189 9.83 28.77 -10.12
N LEU A 190 9.29 29.96 -9.79
CA LEU A 190 7.82 30.13 -9.63
C LEU A 190 7.22 30.85 -10.83
N ASP A 191 7.79 30.72 -12.04
CA ASP A 191 7.09 31.11 -13.28
C ASP A 191 5.83 30.26 -13.36
N PHE A 192 4.76 30.84 -13.88
CA PHE A 192 3.38 30.39 -13.62
C PHE A 192 2.43 30.86 -14.71
N TRP A 193 1.39 30.06 -14.89
CA TRP A 193 0.13 30.43 -15.56
C TRP A 193 -0.92 30.74 -14.50
N THR A 194 -1.83 31.66 -14.80
CA THR A 194 -2.97 32.01 -13.92
C THR A 194 -4.24 32.16 -14.75
N TYR A 195 -5.33 31.65 -14.22
CA TYR A 195 -6.68 31.74 -14.84
C TYR A 195 -7.66 31.71 -13.68
N PRO A 196 -8.85 32.33 -13.86
CA PRO A 196 -9.97 32.20 -12.94
C PRO A 196 -10.67 30.84 -13.12
N GLY A 197 -10.86 30.10 -12.01
CA GLY A 197 -11.33 28.72 -12.01
C GLY A 197 -12.07 28.34 -10.73
N SER A 198 -12.08 27.04 -10.41
CA SER A 198 -12.94 26.49 -9.34
C SER A 198 -12.12 25.56 -8.44
N LEU A 199 -12.72 25.15 -7.32
CA LEU A 199 -12.38 23.87 -6.64
C LEU A 199 -12.57 22.74 -7.66
N THR A 200 -11.71 21.73 -7.65
CA THR A 200 -11.74 20.60 -8.60
C THR A 200 -12.59 19.46 -8.05
N HIS A 201 -13.17 19.59 -6.85
CA HIS A 201 -14.23 18.65 -6.39
C HIS A 201 -15.25 19.41 -5.55
N PRO A 202 -16.40 18.79 -5.23
CA PRO A 202 -17.42 19.40 -4.39
C PRO A 202 -16.79 20.08 -3.18
N PRO A 203 -17.19 21.34 -2.91
CA PRO A 203 -18.39 21.90 -3.54
C PRO A 203 -18.23 22.69 -4.87
N LEU A 204 -17.04 22.72 -5.49
CA LEU A 204 -16.80 23.14 -6.91
C LEU A 204 -16.97 24.65 -7.07
N TYR A 205 -16.94 25.40 -5.96
CA TYR A 205 -17.06 26.87 -5.95
C TYR A 205 -16.12 27.48 -7.00
N GLU A 206 -16.62 28.46 -7.76
CA GLU A 206 -15.85 29.21 -8.78
C GLU A 206 -15.13 30.38 -8.09
N SER A 207 -14.29 30.08 -7.10
CA SER A 207 -13.70 31.04 -6.11
C SER A 207 -12.18 31.05 -6.24
N VAL A 208 -11.62 30.29 -7.18
CA VAL A 208 -10.14 30.02 -7.20
C VAL A 208 -9.45 30.80 -8.32
N THR A 209 -8.48 31.65 -7.93
CA THR A 209 -7.41 32.14 -8.84
C THR A 209 -6.26 31.14 -8.78
N TRP A 210 -6.07 30.42 -9.89
CA TRP A 210 -5.02 29.37 -10.04
C TRP A 210 -3.69 30.01 -10.39
N ILE A 211 -2.64 29.53 -9.74
CA ILE A 211 -1.21 29.72 -10.10
C ILE A 211 -0.63 28.36 -10.44
N ILE A 212 -0.61 27.99 -11.73
CA ILE A 212 -0.01 26.71 -12.19
C ILE A 212 1.46 26.96 -12.53
N CYS A 213 2.38 26.33 -11.79
CA CYS A 213 3.84 26.48 -12.02
C CYS A 213 4.18 25.82 -13.36
N LYS A 214 5.08 26.41 -14.15
CA LYS A 214 5.49 25.83 -15.44
C LYS A 214 6.48 24.68 -15.19
N GLU A 215 7.33 24.84 -14.17
CA GLU A 215 8.25 23.77 -13.68
C GLU A 215 7.43 22.73 -12.87
N SER A 216 7.71 21.46 -13.15
CA SER A 216 7.15 20.30 -12.42
C SER A 216 8.10 19.96 -11.28
N ILE A 217 7.68 19.03 -10.42
CA ILE A 217 8.56 18.42 -9.38
C ILE A 217 8.49 16.92 -9.59
N SER A 218 9.48 16.21 -9.09
CA SER A 218 9.59 14.74 -9.31
C SER A 218 8.71 13.98 -8.30
N VAL A 219 8.40 12.74 -8.64
CA VAL A 219 7.84 11.74 -7.70
C VAL A 219 8.15 10.37 -8.32
N SER A 220 8.55 9.37 -7.53
CA SER A 220 8.84 7.99 -8.02
C SER A 220 7.51 7.23 -8.10
N SER A 221 7.46 6.16 -8.90
CA SER A 221 6.27 5.29 -9.04
CA SER A 221 6.29 5.25 -9.04
C SER A 221 5.91 4.68 -7.67
N GLU A 222 6.91 4.53 -6.79
CA GLU A 222 6.76 3.93 -5.43
C GLU A 222 6.20 4.99 -4.46
N GLN A 223 6.57 6.26 -4.59
CA GLN A 223 5.89 7.33 -3.80
C GLN A 223 4.41 7.38 -4.22
N LEU A 224 4.13 7.31 -5.51
CA LEU A 224 2.71 7.29 -6.00
C LEU A 224 1.97 6.05 -5.44
N ALA A 225 2.67 4.93 -5.25
CA ALA A 225 2.05 3.68 -4.76
C ALA A 225 1.65 3.90 -3.30
N GLN A 226 2.42 4.68 -2.55
CA GLN A 226 2.11 5.08 -1.14
C GLN A 226 0.77 5.82 -1.08
N PHE A 227 0.56 6.83 -1.94
CA PHE A 227 -0.73 7.53 -2.02
C PHE A 227 -1.85 6.51 -2.23
N ARG A 228 -1.69 5.64 -3.22
CA ARG A 228 -2.73 4.66 -3.64
C ARG A 228 -2.91 3.56 -2.60
N SER A 229 -1.99 3.37 -1.65
CA SER A 229 -2.12 2.33 -0.60
C SER A 229 -2.97 2.88 0.55
N LEU A 230 -3.15 4.19 0.63
CA LEU A 230 -4.07 4.83 1.59
C LEU A 230 -5.46 4.24 1.35
N LEU A 231 -6.22 4.02 2.42
CA LEU A 231 -7.53 3.33 2.36
C LEU A 231 -8.70 4.32 2.57
N SER A 232 -9.77 4.12 1.80
CA SER A 232 -10.97 4.99 1.75
C SER A 232 -12.01 4.48 2.76
N ASN A 233 -11.89 3.20 3.16
CA ASN A 233 -12.74 2.51 4.15
C ASN A 233 -12.37 2.98 5.56
N VAL A 234 -13.25 2.72 6.55
CA VAL A 234 -13.00 2.95 8.00
C VAL A 234 -12.25 1.73 8.54
N GLU A 235 -11.50 1.92 9.61
CA GLU A 235 -10.78 0.85 10.34
C GLU A 235 -11.75 -0.32 10.56
N GLY A 236 -11.27 -1.54 10.35
CA GLY A 236 -12.08 -2.76 10.52
C GLY A 236 -12.75 -3.21 9.22
N ASP A 237 -13.10 -2.29 8.31
CA ASP A 237 -13.86 -2.67 7.08
C ASP A 237 -12.90 -3.27 6.04
N ASN A 238 -13.42 -3.84 4.97
CA ASN A 238 -12.58 -4.41 3.88
C ASN A 238 -11.83 -3.21 3.26
N ALA A 239 -10.55 -3.41 2.95
CA ALA A 239 -9.69 -2.34 2.39
C ALA A 239 -10.25 -1.93 1.02
N VAL A 240 -10.43 -0.63 0.79
CA VAL A 240 -10.67 0.00 -0.54
C VAL A 240 -9.58 1.05 -0.72
N PRO A 241 -8.47 0.72 -1.42
CA PRO A 241 -7.37 1.67 -1.58
C PRO A 241 -7.89 2.84 -2.42
N MET A 242 -7.37 4.05 -2.14
CA MET A 242 -7.66 5.31 -2.88
C MET A 242 -6.87 5.26 -4.18
N GLN A 243 -7.43 4.71 -5.24
CA GLN A 243 -6.70 4.46 -6.52
C GLN A 243 -6.49 5.76 -7.29
N HIS A 244 -7.47 6.68 -7.26
CA HIS A 244 -7.41 7.95 -8.04
C HIS A 244 -8.36 9.01 -7.47
N ASN A 245 -8.09 10.28 -7.76
CA ASN A 245 -8.98 11.39 -7.33
C ASN A 245 -8.73 12.63 -8.20
N ASN A 246 -8.37 12.43 -9.48
CA ASN A 246 -8.10 13.53 -10.43
C ASN A 246 -9.34 13.74 -11.29
N ARG A 247 -9.84 14.97 -11.34
CA ARG A 247 -10.97 15.39 -12.20
C ARG A 247 -10.44 15.58 -13.62
N PRO A 248 -11.21 15.15 -14.66
CA PRO A 248 -10.85 15.47 -16.05
C PRO A 248 -10.84 16.98 -16.27
N THR A 249 -10.13 17.46 -17.29
CA THR A 249 -10.10 18.90 -17.64
C THR A 249 -11.51 19.30 -18.09
N GLN A 250 -11.82 20.59 -17.95
CA GLN A 250 -13.16 21.18 -18.21
C GLN A 250 -13.01 22.28 -19.26
N PRO A 251 -14.10 22.61 -20.01
CA PRO A 251 -14.02 23.63 -21.07
C PRO A 251 -13.56 25.02 -20.56
N LEU A 252 -12.57 25.64 -21.20
CA LEU A 252 -12.10 27.01 -20.86
C LEU A 252 -13.23 28.04 -20.95
N LYS A 253 -14.26 27.76 -21.76
CA LYS A 253 -15.41 28.65 -22.09
C LYS A 253 -14.99 30.13 -22.15
N GLY A 254 -13.95 30.43 -22.93
CA GLY A 254 -13.59 31.81 -23.32
C GLY A 254 -12.64 32.46 -22.34
N ARG A 255 -12.23 31.73 -21.29
CA ARG A 255 -11.29 32.28 -20.28
C ARG A 255 -9.93 32.41 -20.95
N THR A 256 -9.12 33.34 -20.46
CA THR A 256 -7.72 33.60 -20.87
C THR A 256 -6.77 33.08 -19.79
N VAL A 257 -5.83 32.22 -20.18
CA VAL A 257 -4.72 31.72 -19.30
C VAL A 257 -3.53 32.63 -19.54
N ARG A 258 -3.14 33.43 -18.56
CA ARG A 258 -2.01 34.39 -18.70
C ARG A 258 -0.73 33.75 -18.19
N ALA A 259 0.39 33.96 -18.90
CA ALA A 259 1.74 33.53 -18.47
C ALA A 259 2.47 34.70 -17.78
N SER A 260 3.28 34.40 -16.77
CA SER A 260 4.14 35.38 -16.04
C SER A 260 5.48 35.58 -16.76
N PHE A 261 5.72 34.83 -17.84
CA PHE A 261 7.06 34.48 -18.40
C PHE A 261 6.98 34.32 -19.93
N ASP B 5 7.15 -18.17 -16.78
CA ASP B 5 7.04 -17.67 -15.39
C ASP B 5 5.91 -18.43 -14.69
N TRP B 6 5.70 -18.12 -13.41
CA TRP B 6 4.51 -18.53 -12.62
C TRP B 6 4.12 -17.39 -11.68
N GLY B 7 2.84 -17.33 -11.33
CA GLY B 7 2.22 -16.37 -10.42
C GLY B 7 0.90 -16.91 -9.93
N TYR B 8 -0.06 -16.03 -9.66
CA TYR B 8 -1.39 -16.36 -9.07
C TYR B 8 -2.48 -15.72 -9.94
N ASP B 9 -2.11 -15.21 -11.13
CA ASP B 9 -3.07 -14.65 -12.12
C ASP B 9 -3.80 -15.76 -12.85
N ASP B 10 -4.83 -15.40 -13.62
CA ASP B 10 -5.52 -16.32 -14.57
C ASP B 10 -4.51 -16.77 -15.65
N LYS B 11 -3.43 -16.00 -15.86
CA LYS B 11 -2.37 -16.26 -16.88
C LYS B 11 -1.40 -17.36 -16.43
N ASN B 12 -0.88 -17.27 -15.19
CA ASN B 12 0.31 -18.05 -14.76
C ASN B 12 0.05 -18.75 -13.40
N GLY B 13 -1.22 -18.89 -13.03
CA GLY B 13 -1.71 -19.22 -11.68
C GLY B 13 -1.86 -20.73 -11.44
N PRO B 14 -2.32 -21.11 -10.22
CA PRO B 14 -2.36 -22.51 -9.79
C PRO B 14 -2.95 -23.55 -10.74
N GLU B 15 -3.89 -23.17 -11.63
CA GLU B 15 -4.62 -24.12 -12.52
C GLU B 15 -3.80 -24.44 -13.79
N GLN B 16 -2.84 -23.60 -14.19
CA GLN B 16 -1.86 -23.88 -15.30
C GLN B 16 -0.43 -24.17 -14.81
N TRP B 17 -0.16 -24.21 -13.50
CA TRP B 17 1.19 -24.58 -12.98
C TRP B 17 1.65 -25.92 -13.55
N SER B 18 0.75 -26.89 -13.74
CA SER B 18 1.10 -28.29 -14.13
C SER B 18 1.84 -28.31 -15.48
N LYS B 19 1.64 -27.29 -16.32
CA LYS B 19 2.34 -27.11 -17.61
C LYS B 19 3.85 -27.02 -17.37
N LEU B 20 4.31 -26.09 -16.52
CA LEU B 20 5.76 -25.93 -16.24
C LEU B 20 6.21 -26.83 -15.08
N TYR B 21 5.30 -27.31 -14.23
CA TYR B 21 5.67 -28.04 -12.98
C TYR B 21 4.73 -29.24 -12.83
N PRO B 22 5.01 -30.33 -13.57
CA PRO B 22 4.05 -31.44 -13.68
C PRO B 22 3.71 -32.12 -12.34
N ILE B 23 4.57 -31.98 -11.32
CA ILE B 23 4.31 -32.52 -9.96
C ILE B 23 3.09 -31.80 -9.34
N ALA B 24 2.63 -30.70 -9.92
CA ALA B 24 1.41 -29.98 -9.50
C ALA B 24 0.21 -30.94 -9.47
N ASN B 25 0.18 -31.96 -10.34
CA ASN B 25 -0.90 -32.99 -10.38
C ASN B 25 -0.53 -34.22 -9.52
N GLY B 26 0.56 -34.21 -8.76
CA GLY B 26 1.04 -35.37 -7.94
C GLY B 26 0.05 -35.85 -6.87
N ASN B 27 0.43 -36.90 -6.15
CA ASN B 27 -0.43 -37.59 -5.14
C ASN B 27 -0.17 -37.02 -3.72
N ASN B 28 0.86 -36.19 -3.52
CA ASN B 28 1.18 -35.61 -2.19
C ASN B 28 1.25 -34.08 -2.26
N GLN B 29 0.29 -33.45 -2.95
CA GLN B 29 0.24 -31.99 -3.15
C GLN B 29 -0.46 -31.32 -1.97
N SER B 30 -0.10 -30.05 -1.75
CA SER B 30 -0.51 -29.21 -0.60
C SER B 30 -0.95 -27.86 -1.15
N PRO B 31 -1.85 -27.12 -0.48
CA PRO B 31 -2.48 -27.53 0.78
C PRO B 31 -3.62 -28.56 0.62
N VAL B 32 -4.17 -29.02 1.73
CA VAL B 32 -5.36 -29.92 1.77
C VAL B 32 -6.37 -29.37 2.78
N ASP B 33 -7.59 -29.89 2.68
CA ASP B 33 -8.63 -29.67 3.70
C ASP B 33 -8.42 -30.70 4.80
N ILE B 34 -8.31 -30.25 6.06
CA ILE B 34 -8.21 -31.15 7.24
C ILE B 34 -9.65 -31.39 7.73
N LYS B 35 -10.13 -32.62 7.63
CA LYS B 35 -11.51 -33.00 8.01
C LYS B 35 -11.40 -33.63 9.38
N THR B 36 -11.89 -32.94 10.41
CA THR B 36 -11.57 -33.28 11.82
C THR B 36 -12.09 -34.69 12.14
N SER B 37 -13.17 -35.13 11.49
CA SER B 37 -13.81 -36.44 11.74
C SER B 37 -12.94 -37.60 11.21
N GLU B 38 -12.05 -37.33 10.24
CA GLU B 38 -11.24 -38.36 9.52
C GLU B 38 -9.82 -38.43 10.08
N THR B 39 -9.41 -37.49 10.91
CA THR B 39 -8.03 -37.44 11.43
C THR B 39 -7.87 -38.65 12.35
N LYS B 40 -6.67 -39.22 12.39
CA LYS B 40 -6.35 -40.40 13.23
C LYS B 40 -5.38 -39.97 14.32
N HIS B 41 -5.73 -40.25 15.57
CA HIS B 41 -4.79 -40.01 16.69
C HIS B 41 -3.72 -41.09 16.65
N ASP B 42 -2.47 -40.62 16.63
CA ASP B 42 -1.26 -41.47 16.60
C ASP B 42 -0.55 -41.29 17.96
N THR B 43 -0.49 -42.38 18.73
CA THR B 43 0.06 -42.41 20.10
C THR B 43 1.57 -42.17 20.06
N SER B 44 2.20 -42.33 18.88
CA SER B 44 3.66 -42.14 18.69
C SER B 44 4.00 -40.66 18.54
N LEU B 45 3.03 -39.78 18.30
CA LEU B 45 3.25 -38.32 18.10
C LEU B 45 3.64 -37.67 19.42
N LYS B 46 4.84 -37.10 19.46
CA LYS B 46 5.32 -36.34 20.63
C LYS B 46 4.91 -34.88 20.47
N PRO B 47 4.93 -34.08 21.56
CA PRO B 47 4.65 -32.67 21.41
C PRO B 47 5.76 -32.10 20.49
N ILE B 48 5.42 -31.04 19.77
CA ILE B 48 6.35 -30.29 18.89
C ILE B 48 7.22 -29.43 19.82
N SER B 49 8.51 -29.40 19.57
CA SER B 49 9.46 -28.52 20.31
C SER B 49 10.15 -27.60 19.30
N VAL B 50 9.92 -26.30 19.45
CA VAL B 50 10.67 -25.26 18.71
C VAL B 50 11.53 -24.53 19.74
N SER B 51 12.81 -24.33 19.45
CA SER B 51 13.67 -23.35 20.16
C SER B 51 14.46 -22.59 19.10
N TYR B 52 14.16 -21.32 18.91
CA TYR B 52 14.80 -20.48 17.88
C TYR B 52 15.65 -19.42 18.55
N ASN B 53 16.88 -19.28 18.09
CA ASN B 53 17.79 -18.24 18.61
C ASN B 53 17.55 -16.96 17.83
N PRO B 54 17.12 -15.83 18.44
CA PRO B 54 16.79 -14.61 17.69
C PRO B 54 17.94 -14.06 16.84
N ALA B 55 19.17 -14.53 17.07
CA ALA B 55 20.41 -14.05 16.41
C ALA B 55 20.59 -14.79 15.08
N THR B 56 19.80 -15.82 14.79
CA THR B 56 19.80 -16.50 13.46
C THR B 56 19.01 -15.65 12.43
N ALA B 57 18.20 -14.68 12.88
CA ALA B 57 17.40 -13.83 11.98
C ALA B 57 18.37 -13.05 11.08
N LYS B 58 18.23 -13.14 9.77
CA LYS B 58 19.24 -12.56 8.84
C LYS B 58 18.62 -11.45 7.99
N GLU B 59 17.58 -11.72 7.20
CA GLU B 59 17.19 -10.75 6.16
C GLU B 59 15.76 -11.01 5.70
N ILE B 60 15.16 -9.95 5.19
CA ILE B 60 13.76 -9.90 4.71
C ILE B 60 13.84 -9.49 3.24
N ILE B 61 13.13 -10.18 2.36
CA ILE B 61 13.27 -9.88 0.91
C ILE B 61 11.90 -9.98 0.22
N ASN B 62 11.67 -9.08 -0.73
CA ASN B 62 10.54 -9.10 -1.68
C ASN B 62 10.89 -10.06 -2.82
N VAL B 63 10.11 -11.12 -2.96
CA VAL B 63 10.38 -12.16 -3.99
C VAL B 63 9.29 -12.08 -5.07
N GLY B 64 8.56 -10.96 -5.16
CA GLY B 64 7.60 -10.70 -6.25
C GLY B 64 6.21 -11.21 -5.94
N HIS B 65 6.06 -12.48 -5.60
CA HIS B 65 4.75 -13.08 -5.25
C HIS B 65 4.50 -13.01 -3.74
N SER B 66 5.57 -12.76 -2.98
CA SER B 66 5.57 -12.82 -1.50
C SER B 66 6.73 -11.99 -0.96
N PHE B 67 6.92 -12.00 0.36
CA PHE B 67 8.17 -11.58 1.02
C PHE B 67 8.58 -12.68 1.98
N HIS B 68 9.89 -12.83 2.17
CA HIS B 68 10.48 -13.92 2.95
C HIS B 68 11.35 -13.32 4.03
N VAL B 69 11.28 -13.90 5.23
CA VAL B 69 12.31 -13.69 6.27
C VAL B 69 13.16 -14.95 6.36
N ASN B 70 14.43 -14.79 6.02
CA ASN B 70 15.44 -15.86 5.92
C ASN B 70 16.33 -15.82 7.17
N PHE B 71 16.79 -16.99 7.56
CA PHE B 71 17.58 -17.23 8.80
C PHE B 71 18.94 -17.85 8.43
N GLU B 72 20.00 -17.54 9.17
CA GLU B 72 21.29 -18.28 9.01
C GLU B 72 21.04 -19.73 9.39
N ASP B 73 21.44 -20.67 8.53
CA ASP B 73 21.14 -22.12 8.74
C ASP B 73 22.43 -22.95 8.69
N ASN B 74 23.54 -22.41 9.23
CA ASN B 74 24.87 -23.07 9.16
C ASN B 74 25.06 -23.98 10.39
N ASP B 75 24.20 -23.85 11.41
CA ASP B 75 24.20 -24.69 12.64
C ASP B 75 22.77 -24.84 13.17
N ASN B 76 22.61 -25.35 14.40
CA ASN B 76 21.31 -25.74 15.01
C ASN B 76 20.99 -24.83 16.19
N ARG B 77 21.34 -23.54 16.11
CA ARG B 77 20.84 -22.55 17.09
C ARG B 77 19.31 -22.52 17.08
N SER B 78 18.68 -22.84 15.93
CA SER B 78 17.21 -22.70 15.68
C SER B 78 16.67 -23.99 15.08
N VAL B 79 15.95 -24.78 15.88
CA VAL B 79 15.57 -26.18 15.51
C VAL B 79 14.12 -26.49 15.86
N LEU B 80 13.52 -27.31 15.00
CA LEU B 80 12.23 -28.01 15.21
C LEU B 80 12.54 -29.49 15.48
N LYS B 81 11.87 -30.06 16.48
CA LYS B 81 11.83 -31.54 16.64
C LYS B 81 10.62 -31.93 17.48
N GLY B 82 10.49 -33.23 17.74
CA GLY B 82 9.31 -33.84 18.37
C GLY B 82 8.27 -34.08 17.30
N GLY B 83 6.99 -34.08 17.68
CA GLY B 83 5.91 -34.41 16.73
C GLY B 83 6.19 -35.75 16.07
N PRO B 84 6.05 -35.86 14.73
CA PRO B 84 6.38 -37.09 14.03
C PRO B 84 7.87 -37.30 13.73
N PHE B 85 8.77 -36.47 14.25
CA PHE B 85 10.18 -36.38 13.74
C PHE B 85 11.09 -37.14 14.69
N SER B 86 11.99 -37.98 14.16
CA SER B 86 13.17 -38.54 14.89
C SER B 86 14.31 -37.52 14.82
N ASP B 87 14.34 -36.75 13.73
CA ASP B 87 15.41 -35.79 13.38
C ASP B 87 15.10 -34.39 13.90
N SER B 88 16.16 -33.60 14.01
CA SER B 88 16.10 -32.14 14.26
C SER B 88 16.07 -31.44 12.89
N TYR B 89 15.19 -30.43 12.78
CA TYR B 89 15.03 -29.61 11.55
C TYR B 89 15.39 -28.16 11.84
N ARG B 90 16.27 -27.67 10.99
CA ARG B 90 16.90 -26.35 11.05
C ARG B 90 15.98 -25.29 10.43
N LEU B 91 15.52 -24.31 11.22
CA LEU B 91 14.76 -23.12 10.74
C LEU B 91 15.53 -22.47 9.58
N PHE B 92 14.86 -22.16 8.46
CA PHE B 92 15.50 -21.37 7.38
C PHE B 92 14.65 -20.18 6.91
N GLN B 93 13.34 -20.22 7.10
CA GLN B 93 12.50 -19.14 6.53
C GLN B 93 11.12 -19.16 7.20
N PHE B 94 10.53 -17.99 7.35
CA PHE B 94 9.06 -17.90 7.47
C PHE B 94 8.54 -16.93 6.43
N HIS B 95 7.27 -17.08 6.08
CA HIS B 95 6.57 -16.15 5.16
C HIS B 95 5.07 -16.34 5.37
N PHE B 96 4.26 -15.57 4.65
CA PHE B 96 2.79 -15.61 4.79
C PHE B 96 2.16 -15.84 3.41
N HIS B 97 0.93 -16.34 3.43
CA HIS B 97 0.01 -16.33 2.29
C HIS B 97 -1.24 -15.54 2.67
N TRP B 98 -1.79 -14.78 1.75
CA TRP B 98 -3.08 -14.09 1.98
C TRP B 98 -3.92 -14.10 0.70
N GLY B 99 -5.14 -13.56 0.76
CA GLY B 99 -6.10 -13.52 -0.35
C GLY B 99 -6.50 -12.09 -0.68
N SER B 100 -7.30 -11.89 -1.74
CA SER B 100 -7.64 -10.54 -2.27
C SER B 100 -8.61 -9.86 -1.31
N THR B 101 -9.35 -10.66 -0.53
CA THR B 101 -10.22 -10.16 0.55
C THR B 101 -9.78 -10.84 1.84
N ASN B 102 -10.37 -10.44 2.97
CA ASN B 102 -10.08 -10.97 4.33
C ASN B 102 -10.79 -12.31 4.57
N GLU B 103 -11.78 -12.69 3.74
CA GLU B 103 -12.65 -13.90 3.91
C GLU B 103 -11.93 -15.18 3.49
N HIS B 104 -10.92 -15.05 2.63
CA HIS B 104 -10.34 -16.19 1.89
C HIS B 104 -8.89 -15.86 1.57
N GLY B 105 -7.96 -16.24 2.44
CA GLY B 105 -6.53 -16.02 2.18
C GLY B 105 -5.65 -17.16 2.65
N SER B 106 -6.13 -18.13 3.42
CA SER B 106 -5.31 -19.27 3.89
C SER B 106 -5.15 -20.29 2.76
N GLU B 107 -4.21 -21.22 2.93
CA GLU B 107 -4.02 -22.33 1.96
C GLU B 107 -4.71 -23.56 2.52
N HIS B 108 -4.33 -24.01 3.72
CA HIS B 108 -5.05 -25.12 4.36
C HIS B 108 -6.45 -24.61 4.73
N THR B 109 -7.41 -25.53 4.77
CA THR B 109 -8.77 -25.34 5.31
C THR B 109 -9.02 -26.42 6.34
N VAL B 110 -9.89 -26.16 7.30
CA VAL B 110 -10.28 -27.10 8.39
C VAL B 110 -11.80 -27.26 8.31
N ASP B 111 -12.26 -28.46 7.90
CA ASP B 111 -13.69 -28.80 7.70
C ASP B 111 -14.24 -27.77 6.69
N GLY B 112 -13.46 -27.51 5.64
CA GLY B 112 -13.77 -26.62 4.50
C GLY B 112 -13.72 -25.15 4.87
N VAL B 113 -13.48 -24.79 6.13
CA VAL B 113 -13.44 -23.35 6.53
C VAL B 113 -12.12 -22.77 6.05
N LYS B 114 -12.18 -21.78 5.15
CA LYS B 114 -11.03 -20.94 4.74
C LYS B 114 -10.82 -19.86 5.81
N TYR B 115 -9.56 -19.65 6.20
CA TYR B 115 -9.15 -18.53 7.08
C TYR B 115 -8.65 -17.36 6.23
N SER B 116 -8.36 -16.22 6.86
CA SER B 116 -7.91 -14.96 6.20
C SER B 116 -6.48 -15.05 5.69
N ALA B 117 -5.59 -15.76 6.39
CA ALA B 117 -4.17 -15.86 5.97
C ALA B 117 -3.53 -17.08 6.59
N GLU B 118 -2.27 -17.29 6.24
CA GLU B 118 -1.53 -18.47 6.73
C GLU B 118 -0.07 -18.09 6.89
N LEU B 119 0.52 -18.46 8.03
CA LEU B 119 1.97 -18.37 8.25
C LEU B 119 2.59 -19.73 7.95
N HIS B 120 3.73 -19.73 7.24
CA HIS B 120 4.61 -20.90 7.02
C HIS B 120 5.97 -20.65 7.69
N VAL B 121 6.36 -21.52 8.62
CA VAL B 121 7.69 -21.53 9.28
C VAL B 121 8.39 -22.79 8.81
N ALA B 122 9.40 -22.62 7.95
CA ALA B 122 10.02 -23.68 7.15
C ALA B 122 11.38 -24.09 7.72
N HIS B 123 11.59 -25.39 7.81
CA HIS B 123 12.78 -26.07 8.40
C HIS B 123 13.29 -27.16 7.44
N TRP B 124 14.60 -27.47 7.47
CA TRP B 124 15.19 -28.57 6.67
C TRP B 124 16.02 -29.51 7.57
N ASN B 125 16.05 -30.78 7.17
CA ASN B 125 16.55 -31.93 7.95
C ASN B 125 18.08 -31.84 8.01
N SER B 126 18.63 -31.30 9.12
CA SER B 126 20.09 -31.12 9.37
C SER B 126 20.70 -32.38 9.99
N ALA B 127 19.90 -33.43 10.24
CA ALA B 127 20.39 -34.77 10.67
C ALA B 127 20.82 -35.58 9.44
N LYS B 128 20.03 -35.55 8.37
CA LYS B 128 20.21 -36.49 7.22
C LYS B 128 20.89 -35.77 6.06
N TYR B 129 20.81 -34.44 6.04
CA TYR B 129 21.35 -33.61 4.95
C TYR B 129 22.22 -32.52 5.58
N SER B 130 22.96 -31.83 4.72
CA SER B 130 23.99 -30.83 5.12
C SER B 130 23.66 -29.44 4.57
N SER B 131 22.64 -29.29 3.70
CA SER B 131 22.16 -27.97 3.19
C SER B 131 20.66 -28.02 2.85
N LEU B 132 20.06 -26.85 2.59
CA LEU B 132 18.66 -26.65 2.12
C LEU B 132 18.56 -27.07 0.65
N ALA B 133 19.51 -26.61 -0.19
CA ALA B 133 19.64 -26.97 -1.62
C ALA B 133 19.47 -28.49 -1.81
N GLU B 134 20.06 -29.26 -0.91
CA GLU B 134 20.09 -30.75 -0.89
C GLU B 134 18.76 -31.30 -0.35
N ALA B 135 18.30 -30.82 0.81
CA ALA B 135 17.12 -31.33 1.54
C ALA B 135 15.83 -31.08 0.76
N ALA B 136 15.78 -30.02 -0.08
CA ALA B 136 14.56 -29.43 -0.65
C ALA B 136 13.72 -30.46 -1.42
N SER B 137 14.36 -31.51 -1.95
CA SER B 137 13.71 -32.48 -2.87
C SER B 137 13.61 -33.88 -2.25
N LYS B 138 13.99 -34.04 -0.98
CA LYS B 138 13.90 -35.32 -0.23
C LYS B 138 12.54 -35.45 0.47
N ALA B 139 11.91 -36.62 0.42
CA ALA B 139 10.58 -36.89 1.04
C ALA B 139 10.61 -36.42 2.50
N ASP B 140 11.74 -36.62 3.19
CA ASP B 140 11.94 -36.30 4.64
C ASP B 140 12.77 -35.02 4.83
N GLY B 141 12.91 -34.20 3.79
CA GLY B 141 13.82 -33.04 3.78
C GLY B 141 13.26 -31.84 4.53
N LEU B 142 11.96 -31.54 4.38
CA LEU B 142 11.39 -30.26 4.90
C LEU B 142 10.32 -30.49 5.98
N ALA B 143 10.27 -29.61 6.96
CA ALA B 143 9.23 -29.60 7.99
C ALA B 143 8.70 -28.18 8.08
N VAL B 144 7.39 -28.03 7.91
CA VAL B 144 6.75 -26.69 7.82
C VAL B 144 5.59 -26.65 8.79
N ILE B 145 5.65 -25.68 9.69
CA ILE B 145 4.54 -25.32 10.60
C ILE B 145 3.64 -24.38 9.80
N GLY B 146 2.35 -24.69 9.80
CA GLY B 146 1.32 -23.86 9.18
C GLY B 146 0.41 -23.47 10.28
N VAL B 147 0.23 -22.16 10.43
CA VAL B 147 -0.70 -21.48 11.34
C VAL B 147 -1.71 -20.71 10.47
N LEU B 148 -2.99 -20.99 10.71
CA LEU B 148 -4.16 -20.27 10.15
C LEU B 148 -4.30 -18.95 10.89
N MET B 149 -4.61 -17.88 10.16
CA MET B 149 -4.75 -16.51 10.69
C MET B 149 -6.20 -16.08 10.44
N LYS B 150 -6.87 -15.68 11.51
CA LYS B 150 -8.30 -15.29 11.51
C LYS B 150 -8.40 -13.77 11.68
N VAL B 151 -9.04 -13.10 10.71
CA VAL B 151 -9.20 -11.61 10.74
C VAL B 151 -9.96 -11.23 12.01
N GLY B 152 -9.49 -10.19 12.69
CA GLY B 152 -10.03 -9.79 14.00
C GLY B 152 -9.16 -8.68 14.55
N GLU B 153 -8.71 -8.85 15.80
CA GLU B 153 -7.84 -7.90 16.50
C GLU B 153 -6.45 -7.90 15.83
N ALA B 154 -5.85 -6.72 15.73
CA ALA B 154 -4.44 -6.49 15.35
C ALA B 154 -3.57 -7.44 16.17
N ASN B 155 -2.66 -8.12 15.51
CA ASN B 155 -1.70 -9.05 16.16
C ASN B 155 -0.42 -8.27 16.39
N PRO B 156 -0.11 -7.86 17.64
CA PRO B 156 1.10 -7.08 17.93
C PRO B 156 2.42 -7.85 17.70
N LYS B 157 2.35 -9.18 17.69
CA LYS B 157 3.55 -10.02 17.42
C LYS B 157 4.03 -9.82 15.97
N LEU B 158 3.16 -9.37 15.06
CA LEU B 158 3.52 -9.08 13.63
C LEU B 158 4.28 -7.75 13.47
N GLN B 159 4.47 -6.96 14.53
CA GLN B 159 4.85 -5.52 14.41
C GLN B 159 6.21 -5.34 13.75
N LYS B 160 7.24 -6.05 14.20
CA LYS B 160 8.59 -5.94 13.65
C LYS B 160 8.53 -6.36 12.17
N VAL B 161 7.78 -7.40 11.81
CA VAL B 161 7.74 -7.85 10.39
C VAL B 161 7.11 -6.75 9.56
N LEU B 162 5.96 -6.25 9.98
CA LEU B 162 5.19 -5.20 9.23
C LEU B 162 5.98 -3.89 9.13
N ASP B 163 6.68 -3.48 10.18
CA ASP B 163 7.53 -2.28 10.20
C ASP B 163 8.64 -2.40 9.13
N ALA B 164 9.14 -3.61 8.84
CA ALA B 164 10.27 -3.82 7.91
C ALA B 164 9.78 -3.76 6.46
N LEU B 165 8.49 -3.91 6.18
CA LEU B 165 7.98 -3.96 4.79
C LEU B 165 8.29 -2.66 4.01
N GLN B 166 8.41 -1.50 4.71
CA GLN B 166 8.65 -0.21 4.01
C GLN B 166 10.01 -0.23 3.31
N ALA B 167 10.99 -1.03 3.76
CA ALA B 167 12.34 -1.08 3.17
C ALA B 167 12.42 -2.10 2.01
N ILE B 168 11.36 -2.85 1.72
CA ILE B 168 11.40 -3.91 0.67
C ILE B 168 10.16 -3.85 -0.23
N LYS B 169 9.79 -2.65 -0.69
CA LYS B 169 8.48 -2.38 -1.32
C LYS B 169 8.36 -3.10 -2.67
N THR B 170 9.47 -3.24 -3.39
CA THR B 170 9.50 -3.78 -4.77
C THR B 170 10.38 -5.03 -4.89
N LYS B 171 10.10 -5.80 -5.94
CA LYS B 171 10.71 -7.12 -6.19
C LYS B 171 12.23 -6.98 -6.24
N GLY B 172 12.94 -7.78 -5.46
CA GLY B 172 14.41 -7.88 -5.42
C GLY B 172 14.98 -7.07 -4.28
N LYS B 173 14.21 -6.15 -3.69
CA LYS B 173 14.69 -5.34 -2.54
C LYS B 173 14.80 -6.27 -1.33
N ARG B 174 15.86 -6.11 -0.56
CA ARG B 174 16.19 -6.91 0.64
C ARG B 174 16.71 -5.93 1.69
N ALA B 175 16.61 -6.27 2.97
CA ALA B 175 17.17 -5.47 4.07
C ALA B 175 17.57 -6.42 5.18
N PRO B 176 18.56 -6.03 6.00
CA PRO B 176 18.82 -6.75 7.25
C PRO B 176 17.56 -6.90 8.11
N PHE B 177 17.41 -8.06 8.72
CA PHE B 177 16.29 -8.37 9.64
C PHE B 177 16.86 -9.29 10.71
N THR B 178 17.05 -8.74 11.92
CA THR B 178 17.92 -9.33 12.94
C THR B 178 17.18 -9.40 14.26
N ASN B 179 17.66 -10.29 15.12
CA ASN B 179 17.24 -10.37 16.53
C ASN B 179 15.73 -10.60 16.56
N PHE B 180 15.27 -11.70 15.94
CA PHE B 180 13.83 -12.08 15.91
C PHE B 180 13.67 -13.59 16.09
N ASP B 181 12.80 -13.94 17.03
CA ASP B 181 12.44 -15.33 17.35
C ASP B 181 11.05 -15.57 16.79
N PRO B 182 10.86 -16.23 15.62
CA PRO B 182 9.53 -16.34 15.03
C PRO B 182 8.62 -17.33 15.79
N SER B 183 9.08 -17.95 16.90
CA SER B 183 8.20 -18.83 17.72
C SER B 183 7.19 -17.94 18.45
N THR B 184 7.50 -16.64 18.54
CA THR B 184 6.60 -15.61 19.10
C THR B 184 5.33 -15.50 18.25
N LEU B 185 5.35 -15.94 16.99
CA LEU B 185 4.17 -15.84 16.08
C LEU B 185 3.26 -17.07 16.21
N LEU B 186 3.73 -18.12 16.89
CA LEU B 186 2.97 -19.38 17.05
C LEU B 186 1.83 -19.19 18.05
N PRO B 187 0.75 -20.00 17.98
CA PRO B 187 -0.33 -19.92 18.98
C PRO B 187 0.19 -20.51 20.31
N SER B 188 -0.52 -20.28 21.43
CA SER B 188 -0.15 -20.79 22.78
C SER B 188 0.03 -22.30 22.71
N SER B 189 -1.03 -23.00 22.29
CA SER B 189 -1.05 -24.47 22.15
C SER B 189 -0.40 -24.86 20.83
N LEU B 190 0.47 -25.87 20.84
CA LEU B 190 1.06 -26.44 19.61
C LEU B 190 0.48 -27.82 19.34
N ASP B 191 -0.74 -28.08 19.77
CA ASP B 191 -1.53 -29.24 19.27
C ASP B 191 -1.55 -29.11 17.77
N PHE B 192 -1.31 -30.19 17.06
CA PHE B 192 -1.21 -30.14 15.58
C PHE B 192 -1.82 -31.35 14.93
N TRP B 193 -2.10 -31.17 13.64
CA TRP B 193 -2.26 -32.20 12.60
C TRP B 193 -0.98 -32.31 11.78
N THR B 194 -0.69 -33.51 11.29
CA THR B 194 0.46 -33.75 10.39
C THR B 194 0.01 -34.68 9.28
N TYR B 195 0.47 -34.37 8.07
CA TYR B 195 0.27 -35.19 6.86
C TYR B 195 1.49 -34.99 5.96
N PRO B 196 1.85 -35.96 5.09
CA PRO B 196 2.87 -35.74 4.05
C PRO B 196 2.36 -34.94 2.83
N GLY B 197 3.08 -33.90 2.43
CA GLY B 197 2.64 -32.97 1.38
C GLY B 197 3.78 -32.31 0.63
N SER B 198 3.50 -31.13 0.06
CA SER B 198 4.37 -30.47 -0.93
C SER B 198 4.63 -29.02 -0.52
N LEU B 199 5.54 -28.40 -1.26
CA LEU B 199 5.59 -26.92 -1.37
C LEU B 199 4.25 -26.51 -1.99
N THR B 200 3.69 -25.37 -1.56
CA THR B 200 2.35 -24.90 -2.03
C THR B 200 2.51 -23.98 -3.24
N HIS B 201 3.75 -23.70 -3.67
CA HIS B 201 4.02 -23.06 -4.97
C HIS B 201 5.27 -23.69 -5.58
N PRO B 202 5.54 -23.42 -6.88
CA PRO B 202 6.70 -23.98 -7.55
C PRO B 202 7.97 -23.73 -6.77
N PRO B 203 8.90 -24.72 -6.70
CA PRO B 203 8.81 -25.96 -7.47
C PRO B 203 7.92 -27.13 -7.01
N LEU B 204 7.11 -26.97 -5.96
CA LEU B 204 5.99 -27.92 -5.62
C LEU B 204 6.50 -29.31 -5.22
N TYR B 205 7.75 -29.41 -4.74
CA TYR B 205 8.40 -30.67 -4.33
C TYR B 205 7.57 -31.35 -3.25
N GLU B 206 7.37 -32.66 -3.36
CA GLU B 206 6.72 -33.50 -2.32
C GLU B 206 7.79 -33.83 -1.27
N SER B 207 8.29 -32.79 -0.60
CA SER B 207 9.41 -32.87 0.38
C SER B 207 8.94 -32.48 1.77
N VAL B 208 7.64 -32.13 1.96
CA VAL B 208 7.16 -31.46 3.20
C VAL B 208 6.33 -32.37 4.09
N THR B 209 6.77 -32.56 5.34
CA THR B 209 5.93 -32.98 6.47
C THR B 209 5.32 -31.74 7.11
N TRP B 210 4.00 -31.60 6.99
CA TRP B 210 3.23 -30.49 7.55
C TRP B 210 2.96 -30.74 9.02
N ILE B 211 3.09 -29.67 9.78
CA ILE B 211 2.59 -29.51 11.16
C ILE B 211 1.58 -28.37 11.11
N ILE B 212 0.29 -28.68 11.05
CA ILE B 212 -0.77 -27.62 10.98
C ILE B 212 -1.29 -27.46 12.39
N CYS B 213 -1.16 -26.25 12.93
CA CYS B 213 -1.57 -25.95 14.32
C CYS B 213 -3.09 -26.01 14.40
N LYS B 214 -3.63 -26.65 15.45
CA LYS B 214 -5.08 -26.66 15.72
C LYS B 214 -5.52 -25.21 16.00
N GLU B 215 -4.71 -24.41 16.69
CA GLU B 215 -5.11 -23.05 17.13
C GLU B 215 -4.68 -22.06 16.04
N SER B 216 -5.58 -21.13 15.70
CA SER B 216 -5.30 -20.01 14.78
C SER B 216 -4.70 -18.84 15.59
N ILE B 217 -4.13 -17.88 14.89
CA ILE B 217 -3.73 -16.57 15.47
C ILE B 217 -4.54 -15.48 14.78
N SER B 218 -4.57 -14.28 15.38
CA SER B 218 -5.35 -13.15 14.82
C SER B 218 -4.47 -12.35 13.86
N VAL B 219 -5.15 -11.50 13.10
CA VAL B 219 -4.55 -10.48 12.20
C VAL B 219 -5.66 -9.46 11.95
N SER B 220 -5.33 -8.17 11.85
CA SER B 220 -6.34 -7.15 11.49
C SER B 220 -6.42 -6.99 9.98
N SER B 221 -7.55 -6.44 9.56
CA SER B 221 -7.84 -6.03 8.17
C SER B 221 -6.71 -5.12 7.67
N GLU B 222 -6.22 -4.21 8.51
CA GLU B 222 -5.18 -3.19 8.17
C GLU B 222 -3.81 -3.85 8.07
N GLN B 223 -3.53 -4.87 8.89
CA GLN B 223 -2.26 -5.63 8.79
C GLN B 223 -2.27 -6.40 7.47
N LEU B 224 -3.41 -7.00 7.09
CA LEU B 224 -3.51 -7.73 5.79
C LEU B 224 -3.28 -6.73 4.66
N ALA B 225 -3.82 -5.50 4.76
CA ALA B 225 -3.67 -4.44 3.73
C ALA B 225 -2.19 -4.09 3.56
N GLN B 226 -1.42 -4.15 4.64
CA GLN B 226 0.04 -3.89 4.58
C GLN B 226 0.74 -4.98 3.76
N PHE B 227 0.35 -6.22 3.92
CA PHE B 227 0.86 -7.30 3.03
C PHE B 227 0.54 -6.95 1.58
N ARG B 228 -0.72 -6.56 1.32
CA ARG B 228 -1.22 -6.35 -0.07
C ARG B 228 -0.70 -5.07 -0.70
N SER B 229 -0.06 -4.21 0.09
CA SER B 229 0.55 -2.95 -0.41
C SER B 229 2.00 -3.19 -0.83
N LEU B 230 2.57 -4.38 -0.58
CA LEU B 230 3.86 -4.78 -1.22
C LEU B 230 3.65 -4.86 -2.73
N LEU B 231 4.70 -4.62 -3.49
CA LEU B 231 4.60 -4.54 -4.97
C LEU B 231 5.37 -5.71 -5.59
N SER B 232 4.75 -6.37 -6.57
CA SER B 232 5.34 -7.52 -7.32
C SER B 232 6.27 -7.02 -8.42
N ASN B 233 6.22 -5.72 -8.76
CA ASN B 233 7.01 -5.11 -9.87
C ASN B 233 8.37 -4.72 -9.33
N VAL B 234 9.33 -4.52 -10.24
CA VAL B 234 10.69 -4.01 -9.92
C VAL B 234 10.58 -2.50 -9.77
N GLU B 235 11.49 -1.90 -9.02
CA GLU B 235 11.61 -0.44 -8.82
C GLU B 235 11.52 0.22 -10.19
N GLY B 236 10.76 1.30 -10.31
CA GLY B 236 10.69 2.13 -11.53
C GLY B 236 9.43 1.81 -12.31
N ASP B 237 9.10 0.52 -12.49
CA ASP B 237 7.90 0.06 -13.23
C ASP B 237 6.63 0.50 -12.48
N ASN B 238 5.48 0.39 -13.15
CA ASN B 238 4.18 0.79 -12.57
C ASN B 238 3.87 -0.18 -11.42
N ALA B 239 3.54 0.38 -10.25
CA ALA B 239 3.08 -0.38 -9.06
C ALA B 239 2.05 -1.46 -9.47
N VAL B 240 2.35 -2.72 -9.13
CA VAL B 240 1.35 -3.83 -9.12
C VAL B 240 1.32 -4.38 -7.70
N PRO B 241 0.27 -4.10 -6.89
CA PRO B 241 0.20 -4.64 -5.53
C PRO B 241 0.04 -6.18 -5.49
N MET B 242 0.60 -6.79 -4.46
CA MET B 242 0.56 -8.25 -4.21
C MET B 242 -0.77 -8.62 -3.56
N GLN B 243 -1.83 -8.87 -4.33
CA GLN B 243 -3.20 -8.96 -3.74
C GLN B 243 -3.47 -10.35 -3.17
N HIS B 244 -2.83 -11.41 -3.67
CA HIS B 244 -3.11 -12.79 -3.22
C HIS B 244 -1.99 -13.73 -3.63
N ASN B 245 -1.84 -14.85 -2.92
CA ASN B 245 -0.75 -15.81 -3.20
C ASN B 245 -1.11 -17.14 -2.54
N ASN B 246 -2.40 -17.45 -2.46
CA ASN B 246 -2.87 -18.69 -1.79
C ASN B 246 -3.21 -19.71 -2.88
N ARG B 247 -2.77 -20.95 -2.71
CA ARG B 247 -3.13 -22.08 -3.60
C ARG B 247 -4.43 -22.72 -3.13
N PRO B 248 -5.36 -23.08 -4.06
CA PRO B 248 -6.50 -23.94 -3.76
C PRO B 248 -6.14 -25.30 -3.13
N THR B 249 -7.03 -25.88 -2.31
CA THR B 249 -6.78 -27.19 -1.65
C THR B 249 -6.74 -28.25 -2.74
N GLN B 250 -5.92 -29.27 -2.53
CA GLN B 250 -5.59 -30.32 -3.52
C GLN B 250 -6.17 -31.64 -3.06
N PRO B 251 -6.34 -32.62 -3.99
CA PRO B 251 -6.88 -33.93 -3.66
C PRO B 251 -5.96 -34.65 -2.64
N LEU B 252 -6.56 -35.17 -1.58
CA LEU B 252 -5.89 -35.91 -0.47
C LEU B 252 -5.31 -37.25 -0.97
N LYS B 253 -5.93 -37.87 -1.98
CA LYS B 253 -5.42 -39.08 -2.70
C LYS B 253 -5.01 -40.16 -1.72
N GLY B 254 -5.82 -40.38 -0.67
CA GLY B 254 -5.70 -41.50 0.28
C GLY B 254 -4.73 -41.25 1.40
N ARG B 255 -4.23 -40.02 1.58
CA ARG B 255 -3.30 -39.73 2.70
C ARG B 255 -4.09 -39.66 4.00
N THR B 256 -3.44 -40.02 5.10
CA THR B 256 -3.95 -39.93 6.50
C THR B 256 -3.42 -38.64 7.13
N VAL B 257 -4.33 -37.80 7.62
CA VAL B 257 -3.99 -36.61 8.44
C VAL B 257 -4.04 -37.08 9.89
N ARG B 258 -2.89 -37.15 10.56
CA ARG B 258 -2.80 -37.58 11.98
C ARG B 258 -3.01 -36.38 12.90
N ALA B 259 -3.54 -36.64 14.09
CA ALA B 259 -3.77 -35.65 15.15
C ALA B 259 -2.90 -36.01 16.36
N SER B 260 -2.37 -34.98 16.99
CA SER B 260 -1.54 -35.08 18.22
C SER B 260 -2.48 -35.12 19.41
N PHE B 261 -3.75 -34.79 19.20
CA PHE B 261 -4.73 -34.45 20.25
C PHE B 261 -6.03 -35.20 20.00
ZN ZN C . -7.05 19.62 -5.01
C4 WHK D . -9.38 21.70 -3.29
C5 WHK D . -9.73 21.03 -2.11
C10 WHK D . -13.51 21.42 0.51
C11 WHK D . -13.85 22.86 0.84
C12 WHK D . -15.11 23.20 1.33
C16 WHK D . -12.90 23.86 0.71
O1 WHK D . -8.89 20.06 -5.18
B2 WHK D . -9.79 21.18 -4.74
O3 WHK D . -11.14 20.70 -4.72
C6 WHK D . -9.44 21.56 -0.85
N7 WHK D . -9.86 20.99 0.37
C8 WHK D . -11.11 20.98 0.92
N9 WHK D . -12.13 21.30 0.10
C13 WHK D . -15.40 24.50 1.68
C14 WHK D . -14.44 25.48 1.55
C15 WHK D . -13.20 25.16 1.06
S17 WHK D . -11.34 20.63 2.56
C18 WHK D . -8.79 22.78 -0.76
C19 WHK D . -8.43 23.46 -1.90
C20 WHK D . -8.72 22.93 -3.16
C21 WHK D . -8.34 23.78 -4.36
C22 WHK D . -8.58 23.05 -5.66
O23 WHK D . -9.81 22.35 -5.64
ZN ZN E . 4.20 -20.87 1.98
C4 WHK F . 7.10 -22.55 0.73
C5 WHK F . 7.98 -21.58 0.20
C10 WHK F . 11.24 -21.80 -3.06
C11 WHK F . 12.16 -22.97 -2.85
C12 WHK F . 12.75 -23.60 -3.93
C16 WHK F . 12.43 -23.44 -1.57
O1 WHK F . 4.62 -22.01 0.44
B2 WHK F . 5.72 -22.90 0.03
O3 WHK F . 5.78 -22.91 -1.44
C6 WHK F . 9.26 -21.38 0.73
N7 WHK F . 10.11 -20.43 0.14
C8 WHK F . 10.89 -20.55 -0.96
N9 WHK F . 10.52 -21.48 -1.84
C13 WHK F . 13.60 -24.68 -3.73
C14 WHK F . 13.87 -25.14 -2.46
C15 WHK F . 13.28 -24.52 -1.38
S17 WHK F . 12.31 -19.65 -1.14
C18 WHK F . 9.68 -22.15 1.80
C19 WHK F . 8.85 -23.12 2.33
C20 WHK F . 7.57 -23.31 1.82
C21 WHK F . 6.69 -24.37 2.44
C22 WHK F . 5.33 -24.47 1.80
O23 WHK F . 5.40 -24.24 0.39
#